data_6HS5
#
_entry.id   6HS5
#
_cell.length_a   49.670
_cell.length_b   125.740
_cell.length_c   45.560
_cell.angle_alpha   90.00
_cell.angle_beta   90.00
_cell.angle_gamma   90.00
#
_symmetry.space_group_name_H-M   'P 21 21 2'
#
loop_
_entity.id
_entity.type
_entity.pdbx_description
1 polymer TssA
2 non-polymer 'CALCIUM ION'
3 non-polymer 1,2-ETHANEDIOL
4 water water
#
_entity_poly.entity_id   1
_entity_poly.type   'polypeptide(L)'
_entity_poly.pdbx_seq_one_letter_code
;MGSSHHHHHHSSGLVPRGSHMPINLPELLTPISEASPSGDDLLFSNEFDAIQDARRYDDPTLDQGEWVTEIKEADWGFVV
DHAGELLRTRTKDLRLAVWLTEALALEDGITGLTEGYALLEGLCREFWDTFHPLPEDDDIEHRLGNVAWLSGRTAELLRA
VPLTDGASNAFSTLDWEVAQHVAQSIKRDPEHADDIARGKPSIEQIDASRRVTSIAFYTALLANLKAFEFALDAFEERLV
ERAGDSAPSFRQARDAFETVYRLAERFAREQGYTG
;
_entity_poly.pdbx_strand_id   A
#
# COMPACT_ATOMS: atom_id res chain seq x y z
N GLY A 13 -23.69 21.85 -1.54
CA GLY A 13 -23.24 21.61 -2.94
C GLY A 13 -23.80 20.31 -3.52
N LEU A 14 -23.17 19.87 -4.60
CA LEU A 14 -23.44 18.58 -5.26
C LEU A 14 -22.32 17.59 -4.98
N VAL A 15 -22.55 16.30 -5.17
CA VAL A 15 -21.56 15.29 -4.71
C VAL A 15 -20.22 15.49 -5.38
N PRO A 16 -19.11 15.37 -4.62
CA PRO A 16 -17.76 15.53 -5.16
C PRO A 16 -17.40 14.40 -6.14
N ARG A 17 -16.57 14.69 -7.14
CA ARG A 17 -16.10 13.65 -8.09
C ARG A 17 -15.11 12.74 -7.36
N GLY A 18 -14.92 11.52 -7.86
CA GLY A 18 -13.98 10.56 -7.23
C GLY A 18 -14.63 9.71 -6.15
N SER A 19 -13.93 8.71 -5.65
CA SER A 19 -14.56 7.62 -4.86
C SER A 19 -14.64 7.88 -3.33
N HIS A 20 -13.66 8.59 -2.80
CA HIS A 20 -13.68 8.97 -1.37
C HIS A 20 -13.35 10.46 -1.26
N MET A 21 -13.70 11.02 -0.13
CA MET A 21 -13.37 12.42 0.13
C MET A 21 -11.89 12.51 0.50
N PRO A 22 -11.27 13.71 0.35
CA PRO A 22 -9.85 13.86 0.73
C PRO A 22 -9.61 13.41 2.18
N ILE A 23 -8.53 12.65 2.46
CA ILE A 23 -8.46 11.98 3.78
C ILE A 23 -8.17 12.99 4.87
N ASN A 24 -7.42 14.06 4.52
CA ASN A 24 -7.15 15.22 5.42
C ASN A 24 -6.28 14.87 6.64
N LEU A 25 -4.97 14.85 6.44
CA LEU A 25 -4.04 14.45 7.48
C LEU A 25 -4.06 15.35 8.69
N PRO A 26 -4.17 16.68 8.49
CA PRO A 26 -4.34 17.55 9.65
C PRO A 26 -5.49 17.14 10.55
N GLU A 27 -6.66 16.89 9.97
CA GLU A 27 -7.80 16.47 10.76
C GLU A 27 -7.53 15.09 11.39
N LEU A 28 -6.91 14.20 10.63
CA LEU A 28 -6.60 12.86 11.17
C LEU A 28 -5.66 12.91 12.36
N LEU A 29 -4.80 13.92 12.41
CA LEU A 29 -3.86 14.05 13.49
C LEU A 29 -4.30 15.07 14.56
N THR A 30 -5.54 15.54 14.49
CA THR A 30 -6.09 16.38 15.55
C THR A 30 -6.61 15.53 16.67
N PRO A 31 -6.21 15.85 17.93
CA PRO A 31 -6.68 15.07 19.07
C PRO A 31 -8.15 15.03 19.17
N ILE A 32 -8.68 13.90 19.66
CA ILE A 32 -10.08 13.72 19.76
C ILE A 32 -10.66 14.74 20.78
N SER A 33 -10.00 14.80 21.92
CA SER A 33 -10.25 15.81 22.96
C SER A 33 -8.97 16.07 23.72
N GLU A 34 -8.99 17.18 24.46
CA GLU A 34 -7.82 17.50 25.27
C GLU A 34 -7.66 16.48 26.40
N ALA A 35 -8.78 16.09 27.01
CA ALA A 35 -8.77 15.08 28.05
C ALA A 35 -8.38 13.69 27.58
N SER A 36 -8.75 13.33 26.35
CA SER A 36 -8.47 12.00 25.81
C SER A 36 -8.08 12.12 24.33
N PRO A 37 -6.80 12.36 24.09
CA PRO A 37 -6.30 12.64 22.74
C PRO A 37 -6.64 11.53 21.73
N SER A 38 -6.66 10.29 22.20
CA SER A 38 -6.94 9.16 21.27
C SER A 38 -8.34 8.60 21.43
N GLY A 39 -9.18 9.25 22.24
CA GLY A 39 -10.55 8.76 22.48
C GLY A 39 -10.54 7.44 23.18
N ASP A 40 -11.63 6.68 23.06
CA ASP A 40 -11.70 5.34 23.63
C ASP A 40 -11.26 4.27 22.65
N ASP A 41 -10.97 3.09 23.19
CA ASP A 41 -10.72 1.92 22.37
C ASP A 41 -12.07 1.39 21.83
N LEU A 42 -12.26 1.41 20.51
CA LEU A 42 -13.56 1.06 19.87
C LEU A 42 -13.62 -0.32 19.21
N LEU A 43 -12.66 -1.17 19.56
CA LEU A 43 -12.61 -2.51 19.01
C LEU A 43 -13.97 -3.23 19.12
N PHE A 44 -14.66 -3.10 20.26
CA PHE A 44 -15.99 -3.77 20.43
C PHE A 44 -17.18 -3.16 19.75
N SER A 45 -16.98 -2.07 19.03
CA SER A 45 -18.08 -1.31 18.53
C SER A 45 -18.59 -1.91 17.23
N ASN A 46 -19.82 -1.56 16.93
CA ASN A 46 -20.48 -1.96 15.66
C ASN A 46 -19.70 -1.45 14.46
N GLU A 47 -19.21 -0.22 14.53
CA GLU A 47 -18.48 0.37 13.41
C GLU A 47 -17.18 -0.36 13.14
N PHE A 48 -16.45 -0.70 14.20
CA PHE A 48 -15.23 -1.50 14.05
C PHE A 48 -15.52 -2.87 13.46
N ASP A 49 -16.58 -3.53 13.91
CA ASP A 49 -16.96 -4.84 13.36
C ASP A 49 -17.29 -4.73 11.87
N ALA A 50 -17.98 -3.66 11.47
CA ALA A 50 -18.33 -3.47 10.07
C ALA A 50 -17.11 -3.28 9.18
N ILE A 51 -16.12 -2.55 9.69
CA ILE A 51 -14.84 -2.44 9.01
C ILE A 51 -14.15 -3.82 8.84
N GLN A 52 -14.07 -4.55 9.92
CA GLN A 52 -13.44 -5.89 9.87
C GLN A 52 -14.17 -6.80 8.84
N ASP A 53 -15.48 -6.75 8.86
CA ASP A 53 -16.26 -7.49 7.86
C ASP A 53 -16.00 -7.01 6.43
N ALA A 54 -15.90 -5.71 6.22
CA ALA A 54 -15.66 -5.19 4.87
C ALA A 54 -14.31 -5.62 4.31
N ARG A 55 -13.31 -5.76 5.19
CA ARG A 55 -12.03 -6.19 4.71
C ARG A 55 -11.86 -7.67 4.53
N ARG A 56 -12.81 -8.45 4.99
CA ARG A 56 -12.73 -9.91 4.92
C ARG A 56 -12.93 -10.36 3.46
N TYR A 57 -12.05 -11.23 2.95
CA TYR A 57 -12.20 -11.83 1.60
C TYR A 57 -11.62 -13.24 1.56
N ASP A 58 -12.10 -14.07 0.65
CA ASP A 58 -11.62 -15.46 0.57
C ASP A 58 -10.33 -15.66 -0.23
N LYS A 72 -17.00 -14.25 -0.67
CA LYS A 72 -16.85 -12.93 -0.01
C LYS A 72 -15.74 -12.14 -0.66
N GLU A 73 -16.07 -10.96 -1.20
CA GLU A 73 -15.10 -10.01 -1.72
C GLU A 73 -14.96 -8.82 -0.77
N ALA A 74 -13.76 -8.26 -0.70
CA ALA A 74 -13.56 -7.13 0.22
C ALA A 74 -14.28 -5.92 -0.33
N ASP A 75 -14.67 -4.98 0.52
CA ASP A 75 -15.27 -3.67 0.06
C ASP A 75 -14.30 -2.59 0.50
N TRP A 76 -13.32 -2.31 -0.36
CA TRP A 76 -12.21 -1.46 0.07
C TRP A 76 -12.68 -0.03 0.20
N GLY A 77 -13.65 0.38 -0.61
CA GLY A 77 -14.17 1.72 -0.52
C GLY A 77 -14.81 1.98 0.81
N PHE A 78 -15.56 0.99 1.30
CA PHE A 78 -16.25 1.04 2.59
C PHE A 78 -15.18 1.22 3.68
N VAL A 79 -14.11 0.44 3.59
CA VAL A 79 -13.00 0.54 4.56
C VAL A 79 -12.41 1.95 4.58
N VAL A 80 -12.15 2.53 3.42
CA VAL A 80 -11.56 3.87 3.37
C VAL A 80 -12.45 4.85 4.11
N ASP A 81 -13.76 4.87 3.80
CA ASP A 81 -14.68 5.85 4.37
C ASP A 81 -14.87 5.65 5.87
N HIS A 82 -15.00 4.42 6.29
CA HIS A 82 -15.32 4.13 7.68
C HIS A 82 -14.13 4.18 8.61
N ALA A 83 -12.97 3.63 8.22
CA ALA A 83 -11.82 3.74 9.07
C ALA A 83 -11.37 5.19 9.21
N GLY A 84 -11.44 5.92 8.10
CA GLY A 84 -11.16 7.36 8.10
C GLY A 84 -12.10 8.13 8.98
N GLU A 85 -13.41 7.82 8.89
CA GLU A 85 -14.44 8.48 9.72
C GLU A 85 -14.15 8.32 11.24
N LEU A 86 -13.88 7.07 11.66
CA LEU A 86 -13.54 6.84 13.08
C LEU A 86 -12.29 7.58 13.51
N LEU A 87 -11.25 7.55 12.68
CA LEU A 87 -10.01 8.21 13.01
C LEU A 87 -10.16 9.72 13.11
N ARG A 88 -11.04 10.27 12.30
CA ARG A 88 -11.22 11.74 12.32
C ARG A 88 -12.11 12.18 13.46
N THR A 89 -12.99 11.32 13.95
CA THR A 89 -14.08 11.76 14.88
C THR A 89 -14.05 11.20 16.25
N ARG A 90 -13.55 9.98 16.41
CA ARG A 90 -13.73 9.22 17.64
C ARG A 90 -12.52 8.57 18.30
N THR A 91 -11.48 8.22 17.57
CA THR A 91 -10.44 7.44 18.18
C THR A 91 -9.19 7.57 17.33
N LYS A 92 -8.03 7.42 17.96
CA LYS A 92 -6.75 7.18 17.25
C LYS A 92 -6.30 5.76 17.53
N ASP A 93 -6.19 4.99 16.46
CA ASP A 93 -6.10 3.52 16.57
C ASP A 93 -5.16 3.04 15.48
N LEU A 94 -4.13 2.32 15.86
CA LEU A 94 -3.14 1.88 14.91
C LEU A 94 -3.70 0.78 13.98
N ARG A 95 -4.57 -0.04 14.52
CA ARG A 95 -5.28 -1.06 13.65
C ARG A 95 -6.05 -0.36 12.54
N LEU A 96 -6.83 0.61 12.87
CA LEU A 96 -7.57 1.35 11.82
C LEU A 96 -6.66 2.02 10.82
N ALA A 97 -5.52 2.56 11.28
CA ALA A 97 -4.59 3.29 10.41
C ALA A 97 -3.90 2.34 9.43
N VAL A 98 -3.52 1.16 9.92
CA VAL A 98 -2.93 0.10 9.09
C VAL A 98 -3.98 -0.34 8.06
N TRP A 99 -5.21 -0.52 8.49
CA TRP A 99 -6.25 -1.00 7.55
C TRP A 99 -6.59 0.06 6.51
N LEU A 100 -6.64 1.32 6.94
CA LEU A 100 -6.87 2.47 5.99
C LEU A 100 -5.71 2.52 4.99
N THR A 101 -4.46 2.29 5.40
CA THR A 101 -3.32 2.29 4.49
C THR A 101 -3.50 1.26 3.38
N GLU A 102 -3.80 0.04 3.78
CA GLU A 102 -4.06 -1.05 2.82
C GLU A 102 -5.21 -0.72 1.88
N ALA A 103 -6.32 -0.22 2.39
CA ALA A 103 -7.51 0.04 1.57
C ALA A 103 -7.22 1.20 0.58
N LEU A 104 -6.55 2.25 1.03
CA LEU A 104 -6.15 3.35 0.11
C LEU A 104 -5.22 2.82 -1.02
N ALA A 105 -4.28 1.93 -0.70
CA ALA A 105 -3.40 1.37 -1.65
C ALA A 105 -4.21 0.60 -2.70
N LEU A 106 -5.21 -0.14 -2.23
CA LEU A 106 -6.03 -0.98 -3.14
C LEU A 106 -6.98 -0.14 -4.01
N GLU A 107 -7.41 0.99 -3.47
CA GLU A 107 -8.36 1.89 -4.16
C GLU A 107 -7.64 2.88 -5.05
N ASP A 108 -6.58 3.46 -4.52
CA ASP A 108 -5.87 4.54 -5.24
C ASP A 108 -4.52 4.18 -5.83
N GLY A 109 -3.92 3.06 -5.45
CA GLY A 109 -2.58 2.72 -5.87
C GLY A 109 -1.46 3.28 -5.01
N ILE A 110 -0.28 3.43 -5.59
CA ILE A 110 0.96 3.85 -4.88
C ILE A 110 0.77 5.11 -4.04
N THR A 111 0.01 6.11 -4.51
CA THR A 111 -0.15 7.34 -3.76
C THR A 111 -0.95 7.12 -2.49
N GLY A 112 -1.84 6.14 -2.52
CA GLY A 112 -2.63 5.77 -1.34
C GLY A 112 -1.79 5.09 -0.27
N LEU A 113 -0.89 4.24 -0.70
CA LEU A 113 0.04 3.61 0.20
C LEU A 113 0.91 4.68 0.87
N THR A 114 1.36 5.66 0.09
CA THR A 114 2.15 6.75 0.63
C THR A 114 1.42 7.63 1.65
N GLU A 115 0.17 7.97 1.37
CA GLU A 115 -0.62 8.75 2.31
C GLU A 115 -0.81 7.97 3.63
N GLY A 116 -1.05 6.66 3.52
CA GLY A 116 -1.17 5.79 4.72
C GLY A 116 0.10 5.78 5.58
N TYR A 117 1.27 5.65 4.96
CA TYR A 117 2.53 5.67 5.66
C TYR A 117 2.77 7.03 6.32
N ALA A 118 2.30 8.09 5.70
CA ALA A 118 2.39 9.45 6.32
C ALA A 118 1.51 9.55 7.57
N LEU A 119 0.33 8.97 7.48
CA LEU A 119 -0.58 8.88 8.66
C LEU A 119 0.02 8.05 9.78
N LEU A 120 0.58 6.90 9.45
CA LEU A 120 1.19 6.04 10.48
C LEU A 120 2.31 6.78 11.19
N GLU A 121 3.17 7.44 10.40
CA GLU A 121 4.25 8.22 10.99
C GLU A 121 3.74 9.32 11.92
N GLY A 122 2.71 10.03 11.49
CA GLY A 122 2.01 11.03 12.29
C GLY A 122 1.44 10.50 13.58
N LEU A 123 0.79 9.34 13.54
CA LEU A 123 0.20 8.82 14.74
C LEU A 123 1.28 8.41 15.74
N CYS A 124 2.39 7.85 15.25
CA CYS A 124 3.50 7.49 16.14
C CYS A 124 4.21 8.73 16.71
N ARG A 125 4.19 9.81 15.98
CA ARG A 125 4.79 11.04 16.45
C ARG A 125 3.92 11.70 17.49
N GLU A 126 2.64 11.85 17.19
CA GLU A 126 1.74 12.64 18.01
C GLU A 126 1.00 11.90 19.11
N PHE A 127 0.82 10.59 19.00
CA PHE A 127 -0.11 9.87 19.89
C PHE A 127 0.50 8.61 20.50
N TRP A 128 1.83 8.51 20.52
CA TRP A 128 2.46 7.31 21.02
C TRP A 128 1.96 6.87 22.38
N ASP A 129 1.75 7.83 23.27
CA ASP A 129 1.30 7.52 24.61
C ASP A 129 -0.11 7.05 24.74
N THR A 130 -0.96 7.35 23.75
CA THR A 130 -2.38 7.15 23.94
C THR A 130 -3.09 6.28 22.88
N PHE A 131 -2.47 6.05 21.73
CA PHE A 131 -3.21 5.42 20.66
C PHE A 131 -3.57 4.01 21.04
N HIS A 132 -4.67 3.53 20.46
CA HIS A 132 -5.16 2.16 20.74
C HIS A 132 -4.61 1.18 19.68
N PRO A 133 -4.31 -0.07 20.04
CA PRO A 133 -4.39 -0.59 21.41
C PRO A 133 -3.26 -0.05 22.30
N LEU A 134 -3.57 0.26 23.53
CA LEU A 134 -2.52 0.68 24.45
C LEU A 134 -1.66 -0.52 24.81
N PRO A 135 -0.43 -0.25 25.29
CA PRO A 135 0.45 -1.37 25.63
C PRO A 135 -0.04 -2.15 26.85
N GLU A 136 0.19 -3.45 26.88
CA GLU A 136 -0.01 -4.32 28.05
C GLU A 136 1.33 -4.96 28.46
N ASP A 137 1.74 -4.77 29.73
CA ASP A 137 3.03 -5.32 30.22
C ASP A 137 4.19 -4.83 29.39
N ASP A 138 4.12 -3.58 28.95
CA ASP A 138 5.09 -3.03 27.99
C ASP A 138 5.53 -3.96 26.83
N ASP A 139 4.60 -4.76 26.30
CA ASP A 139 4.85 -5.53 25.12
C ASP A 139 4.63 -4.62 23.93
N ILE A 140 5.68 -3.87 23.59
CA ILE A 140 5.66 -2.94 22.45
C ILE A 140 5.54 -3.80 21.18
N GLU A 141 6.23 -4.94 21.12
CA GLU A 141 6.11 -5.82 19.92
C GLU A 141 4.65 -6.18 19.59
N HIS A 142 3.87 -6.57 20.60
CA HIS A 142 2.49 -7.00 20.38
C HIS A 142 1.63 -5.78 20.00
N ARG A 143 1.96 -4.63 20.58
CA ARG A 143 1.26 -3.42 20.29
C ARG A 143 1.42 -3.06 18.77
N LEU A 144 2.58 -3.39 18.20
CA LEU A 144 2.92 -3.02 16.81
C LEU A 144 2.72 -4.16 15.83
N GLY A 145 2.14 -5.29 16.26
CA GLY A 145 1.90 -6.45 15.40
C GLY A 145 1.25 -6.13 14.06
N ASN A 146 0.27 -5.20 14.02
CA ASN A 146 -0.38 -4.91 12.74
C ASN A 146 0.60 -4.20 11.81
N VAL A 147 1.52 -3.42 12.38
CA VAL A 147 2.60 -2.79 11.59
C VAL A 147 3.55 -3.81 11.02
N ALA A 148 3.88 -4.86 11.79
CA ALA A 148 4.75 -5.92 11.32
C ALA A 148 4.10 -6.66 10.14
N TRP A 149 2.80 -6.89 10.25
CA TRP A 149 2.04 -7.44 9.12
C TRP A 149 2.09 -6.53 7.90
N LEU A 150 1.95 -5.23 8.11
CA LEU A 150 2.00 -4.27 6.99
C LEU A 150 3.26 -4.30 6.19
N SER A 151 4.45 -4.56 6.77
CA SER A 151 5.68 -4.74 5.96
C SER A 151 5.56 -5.79 4.88
N GLY A 152 5.12 -7.00 5.24
CA GLY A 152 4.91 -8.06 4.26
C GLY A 152 3.84 -7.73 3.22
N ARG A 153 2.74 -7.19 3.72
CA ARG A 153 1.63 -6.76 2.83
C ARG A 153 2.06 -5.67 1.86
N THR A 154 2.88 -4.74 2.32
CA THR A 154 3.39 -3.66 1.48
C THR A 154 4.27 -4.19 0.31
N ALA A 155 5.00 -5.26 0.51
CA ALA A 155 5.80 -5.88 -0.55
C ALA A 155 4.88 -6.40 -1.64
N GLU A 156 3.79 -7.02 -1.23
CA GLU A 156 2.78 -7.51 -2.20
C GLU A 156 2.16 -6.36 -2.99
N LEU A 157 1.77 -5.31 -2.30
CA LEU A 157 1.13 -4.15 -2.91
C LEU A 157 2.06 -3.45 -3.86
N LEU A 158 3.34 -3.29 -3.50
CA LEU A 158 4.30 -2.61 -4.41
C LEU A 158 4.49 -3.45 -5.71
N ARG A 159 4.59 -4.78 -5.55
CA ARG A 159 4.75 -5.69 -6.72
C ARG A 159 3.53 -5.80 -7.59
N ALA A 160 2.40 -5.22 -7.16
CA ALA A 160 1.17 -5.08 -7.99
C ALA A 160 0.97 -3.69 -8.61
N VAL A 161 1.87 -2.75 -8.31
CA VAL A 161 1.81 -1.41 -8.91
C VAL A 161 2.02 -1.56 -10.44
N PRO A 162 1.13 -1.00 -11.23
CA PRO A 162 1.32 -1.10 -12.69
C PRO A 162 2.53 -0.35 -13.19
N LEU A 163 3.30 -1.03 -14.03
CA LEU A 163 4.46 -0.49 -14.75
C LEU A 163 4.14 -0.12 -16.23
N THR A 164 2.94 -0.41 -16.67
CA THR A 164 2.43 -0.05 -18.00
C THR A 164 0.94 0.30 -17.88
N ASP A 165 0.45 0.96 -18.89
CA ASP A 165 -1.00 1.31 -18.96
C ASP A 165 -1.29 1.53 -20.46
N GLY A 166 -1.57 0.45 -21.16
CA GLY A 166 -1.61 0.50 -22.61
C GLY A 166 -2.14 -0.80 -23.18
N ALA A 167 -2.76 -0.73 -24.36
CA ALA A 167 -3.21 -1.92 -25.05
C ALA A 167 -4.19 -2.76 -24.21
N SER A 168 -5.13 -2.07 -23.54
CA SER A 168 -6.21 -2.70 -22.81
C SER A 168 -5.72 -3.56 -21.64
N ASN A 169 -4.55 -3.23 -21.12
CA ASN A 169 -3.98 -3.94 -19.96
C ASN A 169 -3.03 -3.05 -19.17
N ALA A 170 -2.66 -3.54 -17.99
CA ALA A 170 -1.73 -2.83 -17.12
C ALA A 170 -0.93 -3.96 -16.42
N PHE A 171 0.37 -3.96 -16.60
CA PHE A 171 1.24 -5.03 -16.09
C PHE A 171 2.13 -4.59 -14.93
N SER A 172 2.19 -5.44 -13.90
CA SER A 172 2.99 -5.15 -12.70
C SER A 172 4.35 -5.82 -12.70
N THR A 173 5.13 -5.55 -11.66
CA THR A 173 6.36 -6.31 -11.44
C THR A 173 6.15 -7.83 -11.37
N LEU A 174 5.11 -8.22 -10.65
CA LEU A 174 4.80 -9.62 -10.52
C LEU A 174 4.50 -10.21 -11.91
N ASP A 175 3.76 -9.45 -12.72
CA ASP A 175 3.47 -9.86 -14.11
C ASP A 175 4.72 -10.01 -14.92
N TRP A 176 5.68 -9.10 -14.78
CA TRP A 176 6.91 -9.23 -15.52
C TRP A 176 7.66 -10.47 -15.13
N GLU A 177 7.76 -10.69 -13.83
CA GLU A 177 8.44 -11.92 -13.36
C GLU A 177 7.76 -13.20 -13.84
N VAL A 178 6.45 -13.20 -13.82
CA VAL A 178 5.69 -14.34 -14.32
C VAL A 178 5.97 -14.55 -15.83
N ALA A 179 5.96 -13.48 -16.62
CA ALA A 179 6.25 -13.60 -18.05
C ALA A 179 7.63 -14.16 -18.35
N GLN A 180 8.63 -13.72 -17.59
CA GLN A 180 10.00 -14.23 -17.67
CA GLN A 180 10.00 -14.22 -17.72
C GLN A 180 10.03 -15.72 -17.37
N HIS A 181 9.35 -16.11 -16.28
CA HIS A 181 9.25 -17.51 -15.83
C HIS A 181 8.55 -18.39 -16.89
N VAL A 182 7.46 -17.90 -17.45
CA VAL A 182 6.81 -18.56 -18.60
C VAL A 182 7.76 -18.75 -19.80
N ALA A 183 8.53 -17.74 -20.20
CA ALA A 183 9.40 -17.90 -21.34
C ALA A 183 10.48 -18.93 -21.07
N GLN A 184 10.99 -18.94 -19.85
CA GLN A 184 11.98 -19.94 -19.45
C GLN A 184 11.42 -21.36 -19.48
N SER A 185 10.23 -21.53 -18.93
CA SER A 185 9.64 -22.84 -18.83
C SER A 185 9.31 -23.37 -20.22
N ILE A 186 8.86 -22.50 -21.12
CA ILE A 186 8.55 -22.89 -22.52
C ILE A 186 9.82 -23.31 -23.27
N LYS A 187 10.95 -22.62 -23.03
CA LYS A 187 12.23 -23.10 -23.57
C LYS A 187 12.59 -24.48 -23.06
N ARG A 188 12.42 -24.73 -21.75
CA ARG A 188 12.64 -26.06 -21.16
C ARG A 188 11.65 -27.12 -21.60
N ASP A 189 10.40 -26.74 -21.86
CA ASP A 189 9.29 -27.68 -22.07
C ASP A 189 8.37 -27.26 -23.22
N PRO A 190 8.91 -27.19 -24.45
CA PRO A 190 8.14 -26.64 -25.56
C PRO A 190 6.87 -27.39 -25.91
N GLU A 191 6.81 -28.68 -25.56
CA GLU A 191 5.61 -29.49 -25.78
C GLU A 191 4.38 -28.99 -25.02
N HIS A 192 4.57 -28.49 -23.80
CA HIS A 192 3.45 -27.96 -23.01
C HIS A 192 3.32 -26.40 -23.08
N ALA A 193 3.85 -25.77 -24.10
CA ALA A 193 3.85 -24.29 -24.20
C ALA A 193 2.46 -23.69 -24.16
N ASP A 194 1.51 -24.37 -24.76
CA ASP A 194 0.12 -23.91 -24.76
C ASP A 194 -0.43 -23.74 -23.35
N ASP A 195 -0.29 -24.79 -22.55
CA ASP A 195 -0.83 -24.76 -21.21
C ASP A 195 0.01 -23.87 -20.32
N ILE A 196 1.33 -23.81 -20.52
CA ILE A 196 2.19 -22.95 -19.67
C ILE A 196 1.85 -21.48 -19.88
N ALA A 197 1.58 -21.10 -21.12
CA ALA A 197 1.30 -19.69 -21.43
C ALA A 197 -0.13 -19.22 -21.17
N ARG A 198 -1.04 -20.16 -20.95
CA ARG A 198 -2.49 -19.84 -20.86
C ARG A 198 -2.81 -18.95 -19.67
N GLY A 199 -3.45 -17.82 -19.90
CA GLY A 199 -3.92 -16.97 -18.82
C GLY A 199 -2.81 -16.30 -18.05
N LYS A 200 -1.61 -16.25 -18.60
CA LYS A 200 -0.40 -15.63 -18.02
C LYS A 200 0.12 -14.62 -19.00
N PRO A 201 0.64 -13.51 -18.52
CA PRO A 201 1.31 -12.55 -19.42
C PRO A 201 2.49 -13.10 -20.19
N SER A 202 2.71 -12.63 -21.42
CA SER A 202 3.95 -12.84 -22.15
C SER A 202 4.82 -11.59 -22.13
N ILE A 203 6.09 -11.80 -22.37
CA ILE A 203 7.07 -10.74 -22.56
C ILE A 203 6.65 -9.81 -23.69
N GLU A 204 6.28 -10.37 -24.84
CA GLU A 204 5.78 -9.56 -26.01
C GLU A 204 4.56 -8.73 -25.69
N GLN A 205 3.63 -9.31 -24.95
CA GLN A 205 2.48 -8.58 -24.51
C GLN A 205 2.77 -7.34 -23.60
N ILE A 206 3.59 -7.59 -22.61
CA ILE A 206 4.06 -6.51 -21.71
C ILE A 206 4.81 -5.44 -22.48
N ASP A 207 5.73 -5.84 -23.37
CA ASP A 207 6.47 -4.94 -24.23
CA ASP A 207 6.48 -4.90 -24.19
C ASP A 207 5.54 -4.05 -25.06
N ALA A 208 4.54 -4.69 -25.70
CA ALA A 208 3.56 -3.91 -26.47
C ALA A 208 2.76 -2.94 -25.65
N SER A 209 2.41 -3.30 -24.42
CA SER A 209 1.66 -2.44 -23.55
C SER A 209 2.56 -1.25 -23.13
N ARG A 210 3.81 -1.54 -22.84
CA ARG A 210 4.79 -0.52 -22.48
C ARG A 210 4.98 0.49 -23.63
N ARG A 211 5.04 -0.03 -24.86
CA ARG A 211 5.22 0.84 -26.06
C ARG A 211 4.15 1.84 -26.27
N VAL A 212 2.93 1.61 -25.80
CA VAL A 212 1.88 2.58 -25.92
C VAL A 212 1.47 3.20 -24.60
N THR A 213 2.32 3.08 -23.60
CA THR A 213 2.18 3.79 -22.33
C THR A 213 2.85 5.16 -22.43
N SER A 214 2.11 6.15 -21.98
CA SER A 214 2.56 7.53 -22.10
C SER A 214 3.75 7.90 -21.24
N ILE A 215 4.44 8.93 -21.68
CA ILE A 215 5.55 9.46 -20.92
C ILE A 215 5.04 9.99 -19.55
N ALA A 216 3.87 10.60 -19.59
CA ALA A 216 3.20 11.12 -18.43
C ALA A 216 2.99 10.07 -17.39
N PHE A 217 2.53 8.90 -17.80
CA PHE A 217 2.50 7.74 -16.86
C PHE A 217 3.82 7.47 -16.13
N TYR A 218 4.95 7.51 -16.83
CA TYR A 218 6.25 7.18 -16.25
C TYR A 218 6.77 8.30 -15.38
N THR A 219 6.55 9.55 -15.77
CA THR A 219 6.95 10.68 -14.86
C THR A 219 6.37 10.52 -13.47
N ALA A 220 5.08 10.30 -13.45
CA ALA A 220 4.32 10.15 -12.26
C ALA A 220 4.64 8.87 -11.52
N LEU A 221 4.68 7.73 -12.20
CA LEU A 221 5.21 6.50 -11.49
C LEU A 221 6.54 6.74 -10.75
N LEU A 222 7.55 7.32 -11.40
CA LEU A 222 8.84 7.42 -10.77
C LEU A 222 8.78 8.45 -9.64
N ALA A 223 8.00 9.50 -9.83
CA ALA A 223 7.80 10.51 -8.78
C ALA A 223 7.04 9.94 -7.59
N ASN A 224 6.04 9.14 -7.87
CA ASN A 224 5.18 8.52 -6.84
C ASN A 224 5.95 7.44 -6.05
N LEU A 225 6.84 6.74 -6.71
CA LEU A 225 7.71 5.75 -6.07
C LEU A 225 8.71 6.44 -5.16
N LYS A 226 9.28 7.54 -5.61
CA LYS A 226 10.25 8.26 -4.75
C LYS A 226 9.53 8.83 -3.52
N ALA A 227 8.32 9.36 -3.70
CA ALA A 227 7.57 9.90 -2.54
C ALA A 227 7.20 8.77 -1.61
N PHE A 228 6.89 7.59 -2.14
CA PHE A 228 6.71 6.40 -1.24
C PHE A 228 7.96 6.10 -0.41
N GLU A 229 9.12 6.07 -1.04
CA GLU A 229 10.37 5.77 -0.36
C GLU A 229 10.63 6.78 0.78
N PHE A 230 10.36 8.03 0.51
CA PHE A 230 10.51 9.11 1.50
C PHE A 230 9.59 8.86 2.71
N ALA A 231 8.36 8.42 2.45
CA ALA A 231 7.41 8.16 3.52
C ALA A 231 7.79 6.93 4.35
N LEU A 232 8.25 5.87 3.67
CA LEU A 232 8.77 4.72 4.33
C LEU A 232 9.97 5.04 5.22
N ASP A 233 10.91 5.80 4.70
CA ASP A 233 12.06 6.20 5.52
C ASP A 233 11.64 6.97 6.77
N ALA A 234 10.73 7.93 6.62
CA ALA A 234 10.27 8.73 7.75
C ALA A 234 9.58 7.87 8.79
N PHE A 235 8.75 6.93 8.35
CA PHE A 235 8.07 6.04 9.28
C PHE A 235 8.98 5.16 10.00
N GLU A 236 9.91 4.52 9.29
CA GLU A 236 10.90 3.71 9.95
C GLU A 236 11.74 4.46 11.00
N GLU A 237 12.12 5.68 10.64
CA GLU A 237 12.90 6.51 11.56
C GLU A 237 12.09 6.80 12.82
N ARG A 238 10.83 7.14 12.67
CA ARG A 238 9.99 7.39 13.81
C ARG A 238 9.81 6.16 14.71
N LEU A 239 9.67 5.01 14.09
CA LEU A 239 9.70 3.74 14.82
C LEU A 239 10.97 3.40 15.55
N VAL A 240 12.17 3.65 15.01
CA VAL A 240 13.37 3.42 15.84
C VAL A 240 13.36 4.30 17.10
N GLU A 241 12.95 5.56 16.96
CA GLU A 241 12.89 6.49 18.06
C GLU A 241 11.91 5.97 19.11
N ARG A 242 10.71 5.58 18.68
CA ARG A 242 9.63 5.21 19.60
C ARG A 242 9.74 3.80 20.13
N ALA A 243 10.13 2.87 19.27
CA ALA A 243 10.03 1.45 19.64
C ALA A 243 11.40 0.79 19.89
N GLY A 244 12.46 1.33 19.32
CA GLY A 244 13.82 0.81 19.57
C GLY A 244 14.00 -0.60 19.02
N ASP A 245 14.49 -1.50 19.89
CA ASP A 245 14.62 -2.95 19.67
C ASP A 245 13.34 -3.69 19.28
N SER A 246 12.19 -3.13 19.59
CA SER A 246 10.88 -3.75 19.28
C SER A 246 10.28 -3.23 17.98
N ALA A 247 11.01 -2.43 17.24
CA ALA A 247 10.49 -1.94 15.94
C ALA A 247 10.30 -3.10 14.96
N PRO A 248 9.13 -3.13 14.23
CA PRO A 248 9.02 -4.11 13.13
C PRO A 248 10.05 -3.88 11.99
N SER A 249 10.42 -4.96 11.30
CA SER A 249 11.26 -4.89 10.12
C SER A 249 10.41 -4.48 8.87
N PHE A 250 11.01 -3.64 8.06
CA PHE A 250 10.52 -3.32 6.71
C PHE A 250 11.44 -3.80 5.61
N ARG A 251 12.21 -4.85 5.89
CA ARG A 251 13.17 -5.40 4.93
C ARG A 251 12.41 -5.91 3.70
N GLN A 252 11.31 -6.62 3.93
CA GLN A 252 10.52 -7.20 2.75
C GLN A 252 10.04 -6.07 1.84
N ALA A 253 9.49 -5.03 2.45
CA ALA A 253 8.97 -3.87 1.76
C ALA A 253 10.06 -3.13 1.01
N ARG A 254 11.20 -2.98 1.66
CA ARG A 254 12.33 -2.31 1.01
C ARG A 254 12.91 -3.10 -0.18
N ASP A 255 12.98 -4.42 -0.04
CA ASP A 255 13.50 -5.27 -1.09
C ASP A 255 12.53 -5.20 -2.29
N ALA A 256 11.26 -5.22 -2.01
CA ALA A 256 10.26 -5.08 -3.09
C ALA A 256 10.36 -3.74 -3.82
N PHE A 257 10.46 -2.67 -3.03
CA PHE A 257 10.57 -1.31 -3.57
C PHE A 257 11.75 -1.23 -4.52
N GLU A 258 12.87 -1.82 -4.13
CA GLU A 258 14.07 -1.73 -5.00
C GLU A 258 13.87 -2.49 -6.32
N THR A 259 13.20 -3.63 -6.28
CA THR A 259 12.90 -4.40 -7.49
C THR A 259 11.97 -3.60 -8.41
N VAL A 260 10.90 -3.05 -7.83
CA VAL A 260 9.89 -2.27 -8.57
C VAL A 260 10.48 -1.01 -9.19
N TYR A 261 11.23 -0.25 -8.39
CA TYR A 261 11.80 1.00 -8.88
C TYR A 261 12.78 0.70 -10.03
N ARG A 262 13.58 -0.36 -9.91
CA ARG A 262 14.58 -0.66 -10.96
C ARG A 262 13.88 -1.01 -12.28
N LEU A 263 12.78 -1.75 -12.18
CA LEU A 263 11.99 -2.11 -13.38
C LEU A 263 11.28 -0.89 -13.96
N ALA A 264 10.72 -0.06 -13.07
CA ALA A 264 10.02 1.14 -13.47
C ALA A 264 10.96 2.05 -14.25
N GLU A 265 12.18 2.21 -13.74
CA GLU A 265 13.14 3.10 -14.37
C GLU A 265 13.55 2.52 -15.73
N ARG A 266 13.74 1.19 -15.78
CA ARG A 266 14.04 0.53 -17.08
C ARG A 266 12.95 0.72 -18.12
N PHE A 267 11.68 0.50 -17.72
CA PHE A 267 10.57 0.68 -18.67
C PHE A 267 10.49 2.18 -19.11
N ALA A 268 10.67 3.12 -18.18
CA ALA A 268 10.58 4.55 -18.53
C ALA A 268 11.63 4.95 -19.55
N ARG A 269 12.86 4.49 -19.33
CA ARG A 269 13.96 4.82 -20.20
C ARG A 269 13.77 4.20 -21.57
N GLU A 270 13.27 2.98 -21.62
CA GLU A 270 12.90 2.39 -22.92
C GLU A 270 11.87 3.16 -23.70
N GLN A 271 10.98 3.80 -22.98
CA GLN A 271 9.92 4.52 -23.61
C GLN A 271 10.31 5.97 -23.97
N GLY A 272 11.52 6.39 -23.67
CA GLY A 272 12.02 7.70 -24.08
C GLY A 272 12.12 8.71 -22.93
N TYR A 273 11.78 8.31 -21.71
CA TYR A 273 11.94 9.16 -20.52
CA TYR A 273 11.92 9.19 -20.53
C TYR A 273 13.36 9.46 -20.23
N THR A 274 13.70 10.71 -19.98
CA THR A 274 15.14 10.86 -19.68
C THR A 274 15.42 10.46 -18.22
#